data_5FP7
#
_entry.id   5FP7
#
_cell.length_a   71.410
_cell.length_b   71.410
_cell.length_c   150.590
_cell.angle_alpha   90.00
_cell.angle_beta   90.00
_cell.angle_gamma   90.00
#
_symmetry.space_group_name_H-M   'P 43 21 2'
#
loop_
_entity.id
_entity.type
_entity.pdbx_description
1 polymer 'LYSINE-SPECIFIC DEMETHYLASE 4D'
2 non-polymer 'ZINC ION'
3 non-polymer 'FE (II) ION'
4 non-polymer GLYCEROL
5 non-polymer '3-(4-phenylbutanoylamino)pyridine-4-carboxylic acid'
6 non-polymer 'SULFATE ION'
7 water water
#
_entity_poly.entity_id   1
_entity_poly.type   'polypeptide(L)'
_entity_poly.pdbx_seq_one_letter_code
;GHMAQNPNCNIMIFHPTKEEFNDFDKYIAYMESQGAHRAGLAKIIPPKEWKARETYDNISEILIATPLQQVASGRAGVFT
QYHKKKKAMTVGEYRHLANSKKYQTPPHQNFEDLERKYWKNRIYNSPIYGADISGSLFDENTKQWNLGHLGTIQDLLEKE
CGVVIEGVNTPYLYFGMWKTTFAWHTEDMDLYSINYLHLGEPKTWYVVPPEHGQRLERLARELFPGSSRGCGAFLRHKVA
LISPTVLKENGIPFNRITQEAGEFMVTFPYGYHAGFNHGFNCAEAINFATPRWIDYGKMASQCSCGEARVTFSMDAFVRI
LQPERYDLWKRGQD
;
_entity_poly.pdbx_strand_id   A
#
loop_
_chem_comp.id
_chem_comp.type
_chem_comp.name
_chem_comp.formula
FE2 non-polymer 'FE (II) ION' 'Fe 2'
GOL non-polymer GLYCEROL 'C3 H8 O3'
SO4 non-polymer 'SULFATE ION' 'O4 S -2'
YC8 non-polymer '3-(4-phenylbutanoylamino)pyridine-4-carboxylic acid' 'C16 H16 N2 O3'
ZN non-polymer 'ZINC ION' 'Zn 2'
#
# COMPACT_ATOMS: atom_id res chain seq x y z
N ALA A 4 8.89 14.45 -22.46
CA ALA A 4 8.54 13.51 -21.35
C ALA A 4 9.02 14.07 -20.01
N GLN A 5 8.09 14.30 -19.09
CA GLN A 5 8.43 14.76 -17.74
C GLN A 5 8.90 13.59 -16.87
N ASN A 6 9.84 13.85 -15.97
CA ASN A 6 10.38 12.85 -15.03
C ASN A 6 10.84 11.54 -15.73
N PRO A 7 11.76 11.66 -16.71
CA PRO A 7 12.23 10.48 -17.45
C PRO A 7 13.10 9.50 -16.66
N ASN A 8 13.76 9.97 -15.59
CA ASN A 8 14.47 9.06 -14.67
C ASN A 8 13.52 8.35 -13.71
N CYS A 9 12.22 8.68 -13.75
CA CYS A 9 11.22 8.07 -12.88
C CYS A 9 11.52 8.26 -11.39
N ASN A 10 11.97 9.47 -11.03
CA ASN A 10 12.24 9.82 -9.63
C ASN A 10 10.94 10.02 -8.86
N ILE A 11 10.95 9.66 -7.57
CA ILE A 11 9.79 9.93 -6.70
C ILE A 11 9.73 11.43 -6.42
N MET A 12 8.61 12.04 -6.78
CA MET A 12 8.44 13.47 -6.63
C MET A 12 7.69 13.79 -5.33
N ILE A 13 8.08 14.92 -4.74
CA ILE A 13 7.49 15.42 -3.50
C ILE A 13 6.76 16.72 -3.80
N PHE A 14 5.49 16.81 -3.41
CA PHE A 14 4.64 17.97 -3.71
C PHE A 14 4.24 18.71 -2.44
N HIS A 15 4.11 20.04 -2.55
CA HIS A 15 3.71 20.92 -1.45
C HIS A 15 2.57 21.80 -1.87
N PRO A 16 1.36 21.24 -2.01
CA PRO A 16 0.23 22.06 -2.43
C PRO A 16 -0.09 23.17 -1.44
N THR A 17 -0.51 24.32 -1.97
CA THR A 17 -1.06 25.37 -1.14
C THR A 17 -2.48 24.97 -0.74
N LYS A 18 -3.04 25.67 0.23
CA LYS A 18 -4.43 25.45 0.67
C LYS A 18 -5.39 25.47 -0.53
N GLU A 19 -5.18 26.42 -1.45
CA GLU A 19 -6.03 26.58 -2.62
C GLU A 19 -5.91 25.37 -3.55
N GLU A 20 -4.68 24.91 -3.76
CA GLU A 20 -4.42 23.76 -4.60
C GLU A 20 -4.90 22.45 -3.96
N PHE A 21 -5.06 22.44 -2.64
CA PHE A 21 -5.45 21.25 -1.89
C PHE A 21 -6.98 21.06 -1.87
N ASN A 22 -7.71 21.94 -2.55
CA ASN A 22 -9.17 21.94 -2.48
C ASN A 22 -9.84 21.03 -3.52
N ASP A 23 -9.11 20.62 -4.55
CA ASP A 23 -9.66 19.76 -5.59
C ASP A 23 -8.74 18.56 -5.81
N PHE A 24 -9.13 17.45 -5.20
CA PHE A 24 -8.32 16.22 -5.23
C PHE A 24 -7.97 15.75 -6.64
N ASP A 25 -9.00 15.54 -7.47
CA ASP A 25 -8.80 15.03 -8.82
C ASP A 25 -7.92 15.95 -9.66
N LYS A 26 -8.12 17.26 -9.51
CA LYS A 26 -7.35 18.26 -10.24
C LYS A 26 -5.86 18.14 -9.88
N TYR A 27 -5.57 18.03 -8.58
CA TYR A 27 -4.19 17.96 -8.14
C TYR A 27 -3.48 16.65 -8.51
N ILE A 28 -4.20 15.54 -8.49
CA ILE A 28 -3.65 14.27 -8.98
C ILE A 28 -3.28 14.42 -10.46
N ALA A 29 -4.17 15.03 -11.25
CA ALA A 29 -3.91 15.30 -12.67
C ALA A 29 -2.70 16.22 -12.86
N TYR A 30 -2.60 17.27 -12.04
CA TYR A 30 -1.43 18.15 -12.05
C TYR A 30 -0.13 17.40 -11.74
N MET A 31 -0.13 16.58 -10.68
CA MET A 31 1.04 15.80 -10.34
C MET A 31 1.49 14.95 -11.53
N GLU A 32 0.52 14.35 -12.23
CA GLU A 32 0.83 13.52 -13.38
C GLU A 32 1.34 14.34 -14.57
N SER A 33 0.83 15.56 -14.72
CA SER A 33 1.32 16.47 -15.77
C SER A 33 2.80 16.78 -15.55
N GLN A 34 3.27 16.70 -14.31
CA GLN A 34 4.70 16.84 -14.00
C GLN A 34 5.45 15.50 -14.04
N GLY A 35 4.80 14.43 -14.48
CA GLY A 35 5.42 13.10 -14.62
C GLY A 35 5.54 12.29 -13.33
N ALA A 36 4.81 12.69 -12.30
CA ALA A 36 4.89 12.03 -10.98
C ALA A 36 4.63 10.53 -11.02
N HIS A 37 3.66 10.14 -11.85
CA HIS A 37 3.25 8.74 -12.01
C HIS A 37 4.34 7.82 -12.49
N ARG A 38 5.32 8.35 -13.21
CA ARG A 38 6.38 7.50 -13.76
C ARG A 38 7.23 6.81 -12.69
N ALA A 39 7.36 7.42 -11.52
CA ALA A 39 8.04 6.80 -10.37
C ALA A 39 7.25 5.65 -9.75
N GLY A 40 5.93 5.72 -9.87
CA GLY A 40 5.03 4.73 -9.25
C GLY A 40 4.52 5.15 -7.88
N LEU A 41 5.09 6.23 -7.35
CA LEU A 41 4.81 6.70 -6.00
C LEU A 41 5.15 8.18 -5.93
N ALA A 42 4.33 8.96 -5.23
CA ALA A 42 4.60 10.38 -4.96
C ALA A 42 4.29 10.69 -3.52
N LYS A 43 4.99 11.67 -2.96
CA LYS A 43 4.69 12.18 -1.63
C LYS A 43 4.01 13.53 -1.74
N ILE A 44 2.97 13.73 -0.93
CA ILE A 44 2.28 15.00 -0.83
C ILE A 44 2.31 15.50 0.60
N ILE A 45 2.92 16.66 0.80
CA ILE A 45 2.96 17.32 2.11
C ILE A 45 1.76 18.27 2.16
N PRO A 46 0.82 18.03 3.09
CA PRO A 46 -0.36 18.91 3.12
C PRO A 46 -0.01 20.35 3.48
N PRO A 47 -0.88 21.30 3.14
CA PRO A 47 -0.67 22.70 3.55
C PRO A 47 -0.51 22.81 5.06
N LYS A 48 0.35 23.72 5.52
CA LYS A 48 0.62 23.90 6.95
C LYS A 48 -0.65 24.12 7.80
N GLU A 49 -1.70 24.67 7.21
CA GLU A 49 -2.95 24.97 7.94
C GLU A 49 -3.90 23.78 8.01
N TRP A 50 -3.58 22.69 7.32
CA TRP A 50 -4.49 21.56 7.22
C TRP A 50 -4.24 20.58 8.33
N LYS A 51 -5.29 19.88 8.76
CA LYS A 51 -5.16 18.78 9.71
C LYS A 51 -6.18 17.69 9.44
N ALA A 52 -5.80 16.43 9.71
CA ALA A 52 -6.67 15.29 9.50
C ALA A 52 -7.78 15.24 10.55
N ARG A 53 -7.42 15.51 11.80
CA ARG A 53 -8.37 15.58 12.91
C ARG A 53 -7.72 16.38 14.03
N GLU A 54 -8.49 16.71 15.06
CA GLU A 54 -8.03 17.59 16.13
C GLU A 54 -6.92 16.97 16.97
N THR A 55 -7.20 15.85 17.62
CA THR A 55 -6.15 15.08 18.31
C THR A 55 -6.33 13.60 18.05
N TYR A 56 -5.34 12.81 18.46
CA TYR A 56 -5.43 11.36 18.41
C TYR A 56 -5.49 10.81 19.83
N ASP A 57 -6.07 11.59 20.75
CA ASP A 57 -6.13 11.23 22.17
C ASP A 57 -7.08 10.10 22.45
N ASN A 58 -8.09 9.92 21.59
CA ASN A 58 -9.17 8.99 21.90
C ASN A 58 -9.26 7.80 20.94
N ILE A 59 -8.12 7.22 20.58
CA ILE A 59 -8.08 6.08 19.63
C ILE A 59 -7.67 4.73 20.24
N SER A 60 -7.41 4.71 21.54
CA SER A 60 -6.99 3.49 22.24
C SER A 60 -8.04 2.38 22.25
N GLU A 61 -9.31 2.75 22.05
CA GLU A 61 -10.41 1.80 22.17
C GLU A 61 -10.82 1.17 20.84
N ILE A 62 -10.19 1.57 19.75
CA ILE A 62 -10.33 0.89 18.48
C ILE A 62 -9.89 -0.56 18.68
N LEU A 63 -10.67 -1.50 18.15
CA LEU A 63 -10.32 -2.92 18.24
C LEU A 63 -9.59 -3.37 16.99
N ILE A 64 -8.50 -4.09 17.20
CA ILE A 64 -7.82 -4.84 16.16
C ILE A 64 -8.33 -6.26 16.34
N ALA A 65 -9.38 -6.60 15.62
CA ALA A 65 -10.07 -7.89 15.81
C ALA A 65 -9.16 -9.07 15.50
N THR A 66 -8.31 -8.94 14.48
CA THR A 66 -7.40 -10.02 14.08
C THR A 66 -5.98 -9.52 13.79
N PRO A 67 -5.19 -9.29 14.85
CA PRO A 67 -3.79 -8.93 14.60
C PRO A 67 -3.08 -10.06 13.88
N LEU A 68 -2.13 -9.71 13.03
CA LEU A 68 -1.44 -10.69 12.22
C LEU A 68 0.03 -10.73 12.57
N GLN A 69 0.49 -11.90 13.03
CA GLN A 69 1.92 -12.10 13.27
C GLN A 69 2.59 -12.49 11.95
N GLN A 70 3.57 -11.69 11.53
CA GLN A 70 4.22 -11.84 10.25
C GLN A 70 5.48 -12.70 10.37
N VAL A 71 5.36 -13.96 9.96
CA VAL A 71 6.42 -14.95 10.13
C VAL A 71 7.17 -15.15 8.82
N ALA A 72 8.49 -15.03 8.86
CA ALA A 72 9.30 -15.05 7.64
C ALA A 72 9.94 -16.41 7.36
N SER A 73 10.08 -16.73 6.08
CA SER A 73 10.84 -17.91 5.60
C SER A 73 11.71 -17.50 4.42
N GLY A 74 12.95 -18.00 4.38
CA GLY A 74 13.86 -17.72 3.28
C GLY A 74 15.14 -17.13 3.81
N ARG A 75 15.78 -16.27 3.03
CA ARG A 75 17.01 -15.62 3.45
C ARG A 75 16.76 -14.15 3.71
N ALA A 76 17.74 -13.49 4.33
CA ALA A 76 17.60 -12.10 4.77
C ALA A 76 16.99 -11.22 3.68
N GLY A 77 17.55 -11.28 2.47
CA GLY A 77 17.16 -10.40 1.37
C GLY A 77 16.12 -10.94 0.40
N VAL A 78 15.74 -12.20 0.57
CA VAL A 78 14.76 -12.85 -0.28
C VAL A 78 13.94 -13.78 0.61
N PHE A 79 12.74 -13.34 0.97
CA PHE A 79 11.90 -14.14 1.86
C PHE A 79 10.42 -14.03 1.56
N THR A 80 9.68 -14.98 2.09
CA THR A 80 8.23 -14.97 2.06
C THR A 80 7.74 -14.77 3.49
N GLN A 81 6.58 -14.14 3.64
CA GLN A 81 6.01 -13.99 4.97
C GLN A 81 4.58 -14.50 4.96
N TYR A 82 4.23 -15.27 6.00
CA TYR A 82 2.86 -15.70 6.18
C TYR A 82 2.29 -15.04 7.44
N HIS A 83 0.98 -14.86 7.42
CA HIS A 83 0.29 -14.14 8.47
C HIS A 83 -0.42 -15.10 9.35
N LYS A 84 0.02 -15.16 10.60
CA LYS A 84 -0.58 -16.01 11.61
C LYS A 84 -1.55 -15.16 12.44
N LYS A 85 -2.81 -15.59 12.48
CA LYS A 85 -3.86 -14.86 13.20
C LYS A 85 -3.63 -14.94 14.70
N LYS A 86 -3.84 -13.82 15.38
CA LYS A 86 -3.69 -13.75 16.83
C LYS A 86 -5.00 -13.26 17.43
N LYS A 87 -5.11 -13.36 18.75
CA LYS A 87 -6.30 -12.91 19.44
C LYS A 87 -6.47 -11.39 19.38
N ALA A 88 -7.72 -10.93 19.41
CA ALA A 88 -8.03 -9.52 19.27
C ALA A 88 -7.38 -8.70 20.38
N MET A 89 -7.03 -7.46 20.05
CA MET A 89 -6.57 -6.54 21.08
C MET A 89 -6.94 -5.12 20.67
N THR A 90 -7.06 -4.25 21.66
CA THR A 90 -7.36 -2.85 21.39
C THR A 90 -6.08 -2.19 20.88
N VAL A 91 -6.21 -1.00 20.32
CA VAL A 91 -5.05 -0.22 19.90
C VAL A 91 -4.16 0.15 21.09
N GLY A 92 -4.77 0.40 22.25
CA GLY A 92 -4.04 0.68 23.48
C GLY A 92 -3.14 -0.48 23.87
N GLU A 93 -3.69 -1.69 23.80
CA GLU A 93 -2.90 -2.89 24.07
C GLU A 93 -1.83 -3.09 23.00
N TYR A 94 -2.21 -2.86 21.75
CA TYR A 94 -1.27 -2.99 20.64
C TYR A 94 -0.07 -2.05 20.77
N ARG A 95 -0.35 -0.79 21.07
CA ARG A 95 0.67 0.23 21.25
C ARG A 95 1.65 -0.16 22.36
N HIS A 96 1.11 -0.68 23.46
CA HIS A 96 1.93 -1.12 24.57
C HIS A 96 2.80 -2.29 24.19
N LEU A 97 2.28 -3.19 23.37
CA LEU A 97 3.05 -4.31 22.85
C LEU A 97 4.16 -3.83 21.92
N ALA A 98 3.81 -2.94 21.00
CA ALA A 98 4.77 -2.36 20.07
C ALA A 98 5.94 -1.68 20.79
N ASN A 99 5.65 -1.03 21.92
CA ASN A 99 6.68 -0.33 22.70
C ASN A 99 7.43 -1.22 23.69
N SER A 100 7.04 -2.49 23.82
CA SER A 100 7.71 -3.40 24.76
C SER A 100 9.11 -3.73 24.28
N LYS A 101 9.95 -4.22 25.19
CA LYS A 101 11.34 -4.58 24.87
C LYS A 101 11.43 -5.57 23.70
N LYS A 102 10.50 -6.51 23.63
CA LYS A 102 10.50 -7.53 22.58
C LYS A 102 10.29 -6.92 21.19
N TYR A 103 9.48 -5.88 21.08
CA TYR A 103 9.04 -5.38 19.78
C TYR A 103 9.47 -3.94 19.42
N GLN A 104 10.03 -3.19 20.37
CA GLN A 104 10.34 -1.77 20.14
CA GLN A 104 10.35 -1.77 20.14
C GLN A 104 11.45 -1.57 19.10
N THR A 105 11.41 -0.42 18.44
CA THR A 105 12.46 0.00 17.52
C THR A 105 13.82 -0.02 18.24
N PRO A 106 14.83 -0.66 17.64
CA PRO A 106 16.13 -0.72 18.30
C PRO A 106 16.85 0.62 18.21
N PRO A 107 17.85 0.84 19.08
CA PRO A 107 18.71 2.02 18.93
C PRO A 107 19.28 2.08 17.51
N HIS A 108 19.36 3.28 16.94
CA HIS A 108 19.87 3.45 15.59
C HIS A 108 20.33 4.87 15.36
N GLN A 109 21.28 5.04 14.46
CA GLN A 109 21.86 6.36 14.16
C GLN A 109 20.94 7.26 13.34
N ASN A 110 20.27 6.68 12.34
CA ASN A 110 19.43 7.43 11.39
C ASN A 110 18.56 6.45 10.59
N PHE A 111 17.78 6.96 9.63
N PHE A 111 17.77 6.94 9.63
CA PHE A 111 16.95 6.11 8.78
CA PHE A 111 16.97 6.01 8.83
C PHE A 111 17.76 5.04 8.03
C PHE A 111 17.82 4.97 8.11
N GLU A 112 18.97 5.40 7.59
CA GLU A 112 19.85 4.51 6.82
C GLU A 112 20.32 3.32 7.67
N ASP A 113 20.68 3.59 8.91
CA ASP A 113 21.07 2.56 9.87
C ASP A 113 19.89 1.63 10.20
N LEU A 114 18.69 2.20 10.34
CA LEU A 114 17.50 1.41 10.63
C LEU A 114 17.14 0.50 9.45
N GLU A 115 17.23 1.03 8.23
CA GLU A 115 17.01 0.23 7.01
C GLU A 115 17.97 -0.97 6.94
N ARG A 116 19.23 -0.71 7.25
CA ARG A 116 20.25 -1.75 7.31
C ARG A 116 19.85 -2.83 8.32
N LYS A 117 19.45 -2.41 9.51
CA LYS A 117 18.99 -3.35 10.55
C LYS A 117 17.74 -4.12 10.12
N TYR A 118 16.81 -3.44 9.46
CA TYR A 118 15.59 -4.10 8.98
C TYR A 118 15.97 -5.29 8.11
N TRP A 119 16.74 -5.04 7.06
CA TRP A 119 17.04 -6.07 6.07
C TRP A 119 17.98 -7.13 6.56
N LYS A 120 18.88 -6.77 7.48
CA LYS A 120 19.75 -7.75 8.09
C LYS A 120 19.01 -8.70 9.03
N ASN A 121 18.06 -8.16 9.79
CA ASN A 121 17.46 -8.85 10.94
C ASN A 121 15.97 -9.17 10.84
N ARG A 122 15.28 -8.64 9.83
CA ARG A 122 13.81 -8.80 9.72
C ARG A 122 13.36 -10.25 9.88
N ILE A 123 13.99 -11.17 9.14
CA ILE A 123 13.52 -12.55 9.09
C ILE A 123 13.61 -13.29 10.44
N TYR A 124 14.46 -12.79 11.35
CA TYR A 124 14.66 -13.44 12.66
C TYR A 124 13.67 -13.00 13.72
N ASN A 125 12.75 -12.10 13.39
CA ASN A 125 11.69 -11.69 14.30
C ASN A 125 10.34 -11.78 13.62
N SER A 126 9.28 -11.92 14.41
CA SER A 126 7.92 -12.01 13.88
C SER A 126 7.02 -10.93 14.47
N PRO A 127 7.04 -9.72 13.89
CA PRO A 127 6.25 -8.62 14.41
C PRO A 127 4.76 -8.83 14.16
N ILE A 128 3.92 -8.07 14.87
CA ILE A 128 2.48 -8.22 14.77
C ILE A 128 1.89 -6.96 14.13
N TYR A 129 1.09 -7.16 13.08
CA TYR A 129 0.57 -6.05 12.27
C TYR A 129 -0.94 -5.99 12.44
N GLY A 130 -1.46 -4.82 12.75
CA GLY A 130 -2.90 -4.60 12.78
C GLY A 130 -3.34 -4.02 11.45
N ALA A 131 -3.46 -4.87 10.44
CA ALA A 131 -3.71 -4.43 9.06
C ALA A 131 -5.16 -4.63 8.60
N ASP A 132 -5.55 -3.84 7.60
CA ASP A 132 -6.85 -3.99 6.92
C ASP A 132 -8.04 -3.88 7.88
N ILE A 133 -8.02 -2.89 8.75
CA ILE A 133 -9.13 -2.64 9.64
C ILE A 133 -10.04 -1.60 9.00
N SER A 134 -11.27 -2.00 8.67
N SER A 134 -11.27 -2.00 8.67
CA SER A 134 -12.22 -1.08 8.03
CA SER A 134 -12.21 -1.09 8.04
C SER A 134 -12.51 0.08 8.98
C SER A 134 -12.51 0.08 8.98
N GLY A 135 -12.33 1.30 8.49
CA GLY A 135 -12.57 2.50 9.30
C GLY A 135 -11.80 3.72 8.85
N SER A 136 -11.97 4.81 9.60
CA SER A 136 -11.34 6.09 9.29
C SER A 136 -11.06 6.91 10.56
N LEU A 137 -9.93 7.61 10.55
CA LEU A 137 -9.58 8.55 11.62
C LEU A 137 -9.65 10.00 11.16
N PHE A 138 -10.13 10.25 9.94
CA PHE A 138 -10.33 11.62 9.51
C PHE A 138 -11.55 12.20 10.20
N ASP A 139 -11.44 13.44 10.66
CA ASP A 139 -12.58 14.12 11.23
C ASP A 139 -13.63 14.34 10.15
N GLU A 140 -14.88 14.11 10.53
CA GLU A 140 -16.04 14.34 9.69
C GLU A 140 -15.98 15.69 8.97
N ASN A 141 -15.50 16.70 9.70
CA ASN A 141 -15.46 18.07 9.20
C ASN A 141 -14.22 18.44 8.38
N THR A 142 -13.26 17.52 8.27
CA THR A 142 -12.11 17.74 7.40
C THR A 142 -12.56 17.62 5.96
N LYS A 143 -12.54 18.75 5.24
CA LYS A 143 -13.13 18.84 3.91
C LYS A 143 -12.17 18.51 2.75
N GLN A 144 -10.87 18.62 2.98
CA GLN A 144 -9.88 18.37 1.94
C GLN A 144 -9.12 17.08 2.20
N TRP A 145 -8.99 16.25 1.18
CA TRP A 145 -8.16 15.03 1.22
C TRP A 145 -8.55 14.12 2.36
N ASN A 146 -9.85 14.09 2.63
CA ASN A 146 -10.44 13.18 3.59
C ASN A 146 -10.65 11.85 2.88
N LEU A 147 -9.87 10.84 3.26
CA LEU A 147 -9.86 9.58 2.55
C LEU A 147 -11.18 8.81 2.65
N GLY A 148 -12.05 9.20 3.56
CA GLY A 148 -13.40 8.62 3.65
C GLY A 148 -14.46 9.35 2.82
N HIS A 149 -14.08 10.45 2.18
CA HIS A 149 -15.00 11.28 1.40
C HIS A 149 -14.56 11.42 -0.03
N LEU A 150 -13.72 10.51 -0.51
CA LEU A 150 -13.31 10.55 -1.90
C LEU A 150 -14.43 10.00 -2.77
N GLY A 151 -14.35 10.30 -4.05
CA GLY A 151 -15.25 9.70 -5.03
C GLY A 151 -14.92 8.23 -5.14
N THR A 152 -15.94 7.41 -5.39
CA THR A 152 -15.78 5.97 -5.39
C THR A 152 -15.28 5.47 -6.75
N ILE A 153 -14.59 4.34 -6.75
N ILE A 153 -14.60 4.33 -6.75
CA ILE A 153 -14.16 3.70 -7.99
CA ILE A 153 -14.14 3.71 -7.99
C ILE A 153 -15.37 3.32 -8.84
C ILE A 153 -15.32 3.23 -8.83
N GLN A 154 -16.44 2.87 -8.18
CA GLN A 154 -17.66 2.48 -8.88
C GLN A 154 -18.26 3.68 -9.64
N ASP A 155 -18.21 4.87 -9.06
CA ASP A 155 -18.71 6.06 -9.77
C ASP A 155 -17.77 6.51 -10.88
N LEU A 156 -16.47 6.32 -10.70
CA LEU A 156 -15.50 6.64 -11.75
C LEU A 156 -15.73 5.72 -12.97
N LEU A 157 -15.85 4.42 -12.70
N LEU A 157 -15.85 4.42 -12.70
CA LEU A 157 -16.09 3.44 -13.75
CA LEU A 157 -16.10 3.43 -13.74
C LEU A 157 -17.41 3.71 -14.47
C LEU A 157 -17.41 3.73 -14.47
N GLU A 158 -18.43 4.11 -13.71
CA GLU A 158 -19.70 4.53 -14.27
C GLU A 158 -19.57 5.79 -15.13
N LYS A 159 -18.81 6.78 -14.66
CA LYS A 159 -18.63 8.02 -15.40
C LYS A 159 -17.88 7.81 -16.72
N GLU A 160 -16.89 6.91 -16.72
CA GLU A 160 -16.05 6.67 -17.90
C GLU A 160 -16.68 5.67 -18.89
N CYS A 161 -17.31 4.64 -18.37
CA CYS A 161 -17.80 3.52 -19.18
C CYS A 161 -19.32 3.51 -19.37
N GLY A 162 -20.04 4.34 -18.62
CA GLY A 162 -21.49 4.43 -18.72
C GLY A 162 -22.23 3.22 -18.15
N VAL A 163 -21.57 2.48 -17.28
CA VAL A 163 -22.16 1.28 -16.67
C VAL A 163 -22.29 1.49 -15.16
N VAL A 164 -23.46 1.21 -14.62
CA VAL A 164 -23.67 1.27 -13.18
C VAL A 164 -23.37 -0.10 -12.58
N ILE A 165 -22.62 -0.13 -11.49
CA ILE A 165 -22.26 -1.40 -10.86
C ILE A 165 -22.45 -1.34 -9.36
N GLU A 166 -22.59 -2.52 -8.76
CA GLU A 166 -22.66 -2.66 -7.31
C GLU A 166 -21.28 -2.40 -6.69
N GLY A 167 -21.26 -2.24 -5.37
CA GLY A 167 -20.02 -2.11 -4.62
C GLY A 167 -19.85 -0.73 -3.99
N VAL A 168 -19.07 -0.69 -2.91
CA VAL A 168 -18.73 0.54 -2.20
C VAL A 168 -17.34 0.39 -1.61
N ASN A 169 -16.39 1.22 -2.01
CA ASN A 169 -15.05 1.15 -1.43
C ASN A 169 -14.85 2.19 -0.32
N THR A 170 -14.30 1.72 0.80
CA THR A 170 -14.15 2.51 2.01
C THR A 170 -12.71 2.40 2.52
N PRO A 171 -12.31 3.29 3.43
CA PRO A 171 -10.91 3.28 3.86
C PRO A 171 -10.57 2.18 4.85
N TYR A 172 -9.27 1.88 4.96
CA TYR A 172 -8.75 0.93 5.92
C TYR A 172 -7.66 1.55 6.79
N LEU A 173 -7.61 1.11 8.04
CA LEU A 173 -6.57 1.52 8.98
C LEU A 173 -5.53 0.41 9.12
N TYR A 174 -4.29 0.85 9.36
CA TYR A 174 -3.15 -0.03 9.56
C TYR A 174 -2.37 0.43 10.78
N PHE A 175 -2.35 -0.40 11.81
CA PHE A 175 -1.57 -0.16 13.02
C PHE A 175 -0.30 -0.99 12.94
N GLY A 176 0.84 -0.31 12.99
CA GLY A 176 2.13 -0.93 12.74
C GLY A 176 3.03 -0.86 13.94
N MET A 177 4.08 -1.68 13.90
CA MET A 177 5.19 -1.62 14.85
C MET A 177 6.47 -1.83 14.06
N TRP A 178 7.61 -1.72 14.73
CA TRP A 178 8.91 -2.01 14.12
C TRP A 178 8.90 -3.35 13.40
N LYS A 179 9.42 -3.34 12.17
CA LYS A 179 9.57 -4.53 11.30
C LYS A 179 8.31 -5.04 10.61
N THR A 180 7.13 -4.52 10.97
N THR A 180 7.15 -4.52 10.98
CA THR A 180 5.93 -4.89 10.25
CA THR A 180 5.93 -4.80 10.26
C THR A 180 6.11 -4.47 8.79
C THR A 180 6.16 -4.47 8.78
N THR A 181 5.67 -5.33 7.89
CA THR A 181 6.10 -5.32 6.50
C THR A 181 4.92 -5.41 5.54
N PHE A 182 4.97 -4.62 4.47
CA PHE A 182 4.12 -4.86 3.31
C PHE A 182 4.96 -5.36 2.13
N ALA A 183 4.55 -6.52 1.61
CA ALA A 183 5.27 -7.21 0.56
C ALA A 183 5.06 -6.54 -0.80
N TRP A 184 5.86 -6.95 -1.77
CA TRP A 184 5.83 -6.41 -3.13
C TRP A 184 4.52 -6.69 -3.80
N HIS A 185 3.83 -5.64 -4.24
CA HIS A 185 2.56 -5.79 -4.92
C HIS A 185 2.14 -4.53 -5.67
N THR A 186 1.19 -4.69 -6.57
CA THR A 186 0.43 -3.56 -7.10
C THR A 186 -0.95 -3.66 -6.49
N GLU A 187 -1.75 -2.60 -6.59
CA GLU A 187 -3.09 -2.62 -6.01
C GLU A 187 -3.98 -3.58 -6.78
N ASP A 188 -5.08 -3.99 -6.13
CA ASP A 188 -6.14 -4.74 -6.81
C ASP A 188 -6.53 -4.01 -8.09
N MET A 189 -6.65 -4.75 -9.19
CA MET A 189 -6.99 -4.20 -10.50
C MET A 189 -6.05 -3.08 -10.95
N ASP A 190 -4.83 -3.08 -10.41
CA ASP A 190 -3.82 -2.04 -10.63
C ASP A 190 -4.36 -0.62 -10.44
N LEU A 191 -5.19 -0.48 -9.41
CA LEU A 191 -5.73 0.81 -9.01
C LEU A 191 -4.65 1.72 -8.41
N TYR A 192 -4.99 2.98 -8.21
CA TYR A 192 -4.19 3.89 -7.40
C TYR A 192 -4.44 3.55 -5.95
N SER A 193 -3.54 3.98 -5.07
CA SER A 193 -3.86 4.03 -3.64
C SER A 193 -3.38 5.34 -3.09
N ILE A 194 -4.01 5.77 -2.01
CA ILE A 194 -3.55 6.92 -1.23
C ILE A 194 -3.46 6.48 0.23
N ASN A 195 -2.34 6.83 0.87
CA ASN A 195 -1.99 6.43 2.23
C ASN A 195 -1.64 7.67 3.04
N TYR A 196 -2.35 7.90 4.13
CA TYR A 196 -2.02 8.99 5.05
C TYR A 196 -1.49 8.40 6.34
N LEU A 197 -0.31 8.85 6.75
CA LEU A 197 0.27 8.41 8.01
C LEU A 197 -0.19 9.34 9.13
N HIS A 198 -1.13 8.84 9.92
CA HIS A 198 -1.81 9.65 10.95
C HIS A 198 -0.91 10.04 12.07
N LEU A 199 -0.12 9.09 12.54
CA LEU A 199 0.65 9.30 13.76
C LEU A 199 1.72 8.23 13.94
N GLY A 200 2.70 8.58 14.76
CA GLY A 200 3.74 7.67 15.18
C GLY A 200 4.96 7.68 14.28
N GLU A 201 5.66 6.55 14.27
CA GLU A 201 6.95 6.45 13.62
C GLU A 201 6.79 6.29 12.11
N PRO A 202 7.88 6.51 11.36
CA PRO A 202 7.79 6.50 9.89
C PRO A 202 7.51 5.16 9.22
N LYS A 203 7.29 5.23 7.92
CA LYS A 203 7.09 4.08 7.06
C LYS A 203 8.01 4.26 5.86
N THR A 204 8.90 3.31 5.61
CA THR A 204 9.77 3.37 4.46
C THR A 204 9.17 2.58 3.29
N TRP A 205 9.22 3.19 2.11
CA TRP A 205 8.63 2.65 0.90
C TRP A 205 9.69 2.37 -0.11
N TYR A 206 9.49 1.29 -0.87
CA TYR A 206 10.24 1.02 -2.10
C TYR A 206 9.24 0.89 -3.22
N VAL A 207 9.63 1.32 -4.42
CA VAL A 207 8.73 1.32 -5.56
C VAL A 207 9.50 1.08 -6.86
N VAL A 208 8.89 0.33 -7.77
CA VAL A 208 9.42 0.14 -9.12
C VAL A 208 8.55 0.92 -10.11
N PRO A 209 9.18 1.72 -11.00
CA PRO A 209 8.41 2.46 -12.02
C PRO A 209 7.49 1.54 -12.83
N PRO A 210 6.23 1.95 -13.06
CA PRO A 210 5.31 1.11 -13.81
C PRO A 210 5.83 0.60 -15.15
N GLU A 211 6.57 1.44 -15.88
CA GLU A 211 7.13 1.03 -17.16
C GLU A 211 8.13 -0.14 -17.04
N HIS A 212 8.61 -0.41 -15.82
CA HIS A 212 9.55 -1.50 -15.56
C HIS A 212 9.01 -2.60 -14.66
N GLY A 213 7.70 -2.59 -14.43
CA GLY A 213 7.05 -3.58 -13.57
C GLY A 213 7.30 -5.03 -13.98
N GLN A 214 7.31 -5.30 -15.29
CA GLN A 214 7.52 -6.67 -15.76
C GLN A 214 8.91 -7.19 -15.44
N ARG A 215 9.90 -6.30 -15.26
CA ARG A 215 11.24 -6.69 -14.83
C ARG A 215 11.22 -7.22 -13.42
N LEU A 216 10.49 -6.53 -12.53
CA LEU A 216 10.31 -7.02 -11.17
C LEU A 216 9.62 -8.38 -11.16
N GLU A 217 8.56 -8.51 -11.94
CA GLU A 217 7.82 -9.77 -12.05
C GLU A 217 8.72 -10.93 -12.48
N ARG A 218 9.54 -10.71 -13.50
CA ARG A 218 10.49 -11.71 -13.97
C ARG A 218 11.48 -12.13 -12.89
N LEU A 219 12.05 -11.16 -12.17
CA LEU A 219 12.96 -11.47 -11.05
C LEU A 219 12.23 -12.26 -9.96
N ALA A 220 10.99 -11.85 -9.68
CA ALA A 220 10.17 -12.54 -8.69
C ALA A 220 9.95 -14.02 -9.05
N ARG A 221 9.68 -14.30 -10.32
CA ARG A 221 9.48 -15.69 -10.76
C ARG A 221 10.74 -16.52 -10.54
N GLU A 222 11.89 -15.91 -10.81
CA GLU A 222 13.19 -16.54 -10.58
C GLU A 222 13.47 -16.78 -9.09
N LEU A 223 13.10 -15.82 -8.26
CA LEU A 223 13.45 -15.87 -6.82
C LEU A 223 12.48 -16.70 -5.99
N PHE A 224 11.24 -16.84 -6.47
CA PHE A 224 10.21 -17.62 -5.80
C PHE A 224 9.62 -18.64 -6.78
N PRO A 225 10.43 -19.63 -7.19
CA PRO A 225 10.02 -20.56 -8.23
C PRO A 225 8.77 -21.39 -7.89
N GLY A 226 8.69 -21.88 -6.65
CA GLY A 226 7.52 -22.64 -6.20
C GLY A 226 6.26 -21.83 -6.27
N SER A 227 6.28 -20.64 -5.66
CA SER A 227 5.14 -19.73 -5.70
C SER A 227 4.73 -19.37 -7.14
N SER A 228 5.72 -19.18 -8.01
CA SER A 228 5.46 -18.85 -9.42
C SER A 228 4.73 -19.97 -10.15
N ARG A 229 5.16 -21.21 -9.96
CA ARG A 229 4.45 -22.37 -10.51
C ARG A 229 3.01 -22.45 -10.01
N GLY A 230 2.80 -22.10 -8.74
CA GLY A 230 1.47 -22.16 -8.14
C GLY A 230 0.47 -21.16 -8.70
N CYS A 231 0.95 -19.98 -9.06
CA CYS A 231 0.06 -18.89 -9.48
C CYS A 231 0.80 -17.90 -10.38
N GLY A 232 0.24 -17.68 -11.57
CA GLY A 232 0.82 -16.74 -12.53
C GLY A 232 0.83 -15.30 -12.06
N ALA A 233 0.07 -14.98 -11.01
CA ALA A 233 0.10 -13.65 -10.41
C ALA A 233 0.32 -13.74 -8.89
N PHE A 234 1.34 -14.50 -8.47
CA PHE A 234 1.52 -14.79 -7.04
C PHE A 234 1.85 -13.56 -6.20
N LEU A 235 2.43 -12.52 -6.81
CA LEU A 235 2.67 -11.28 -6.08
C LEU A 235 1.36 -10.70 -5.49
N ARG A 236 0.22 -11.04 -6.11
CA ARG A 236 -1.11 -10.72 -5.55
C ARG A 236 -1.32 -11.27 -4.13
N HIS A 237 -0.61 -12.35 -3.79
CA HIS A 237 -0.73 -12.93 -2.45
C HIS A 237 -0.13 -12.04 -1.39
N LYS A 238 0.69 -11.07 -1.80
CA LYS A 238 1.36 -10.14 -0.89
C LYS A 238 2.16 -10.87 0.18
N VAL A 239 3.05 -11.76 -0.27
CA VAL A 239 3.89 -12.54 0.63
C VAL A 239 5.39 -12.40 0.36
N ALA A 240 5.76 -11.84 -0.79
CA ALA A 240 7.14 -11.89 -1.28
C ALA A 240 7.92 -10.60 -0.99
N LEU A 241 9.08 -10.74 -0.37
CA LEU A 241 9.97 -9.61 -0.09
C LEU A 241 11.32 -9.83 -0.77
N ILE A 242 11.83 -8.75 -1.36
CA ILE A 242 13.11 -8.72 -2.05
C ILE A 242 13.77 -7.42 -1.61
N SER A 243 14.99 -7.51 -1.10
CA SER A 243 15.67 -6.34 -0.54
C SER A 243 16.23 -5.41 -1.62
N PRO A 244 16.54 -4.16 -1.25
CA PRO A 244 17.15 -3.24 -2.22
C PRO A 244 18.51 -3.71 -2.75
N THR A 245 19.27 -4.42 -1.92
CA THR A 245 20.54 -5.01 -2.35
C THR A 245 20.32 -6.02 -3.47
N VAL A 246 19.33 -6.89 -3.31
CA VAL A 246 19.02 -7.92 -4.29
C VAL A 246 18.47 -7.29 -5.57
N LEU A 247 17.61 -6.28 -5.45
CA LEU A 247 17.12 -5.54 -6.62
C LEU A 247 18.29 -4.93 -7.43
N LYS A 248 19.21 -4.25 -6.73
CA LYS A 248 20.42 -3.70 -7.37
C LYS A 248 21.22 -4.76 -8.10
N GLU A 249 21.50 -5.87 -7.41
CA GLU A 249 22.28 -6.97 -8.00
C GLU A 249 21.69 -7.44 -9.31
N ASN A 250 20.36 -7.41 -9.40
CA ASN A 250 19.64 -7.90 -10.57
C ASN A 250 19.21 -6.80 -11.55
N GLY A 251 19.74 -5.60 -11.36
CA GLY A 251 19.46 -4.45 -12.23
C GLY A 251 18.00 -4.01 -12.32
N ILE A 252 17.24 -4.20 -11.24
CA ILE A 252 15.84 -3.76 -11.24
C ILE A 252 15.79 -2.28 -10.87
N PRO A 253 15.23 -1.43 -11.75
CA PRO A 253 15.14 -0.02 -11.39
C PRO A 253 14.12 0.19 -10.26
N PHE A 254 14.51 0.93 -9.24
CA PHE A 254 13.61 1.21 -8.12
C PHE A 254 14.04 2.47 -7.39
N ASN A 255 13.13 2.95 -6.53
CA ASN A 255 13.40 4.11 -5.69
C ASN A 255 12.88 3.87 -4.29
N ARG A 256 13.40 4.63 -3.32
CA ARG A 256 12.98 4.49 -1.94
C ARG A 256 12.71 5.86 -1.34
N ILE A 257 11.79 5.91 -0.39
CA ILE A 257 11.49 7.15 0.31
C ILE A 257 10.86 6.80 1.64
N THR A 258 11.01 7.70 2.61
CA THR A 258 10.43 7.52 3.93
C THR A 258 9.32 8.53 4.15
N GLN A 259 8.14 8.00 4.50
CA GLN A 259 6.97 8.78 4.83
C GLN A 259 6.95 8.99 6.33
N GLU A 260 6.67 10.22 6.75
CA GLU A 260 6.56 10.57 8.15
C GLU A 260 5.14 11.00 8.46
N ALA A 261 4.80 11.04 9.75
CA ALA A 261 3.45 11.37 10.18
C ALA A 261 3.05 12.72 9.62
N GLY A 262 1.82 12.81 9.13
CA GLY A 262 1.30 14.04 8.54
C GLY A 262 1.47 14.14 7.04
N GLU A 263 2.02 13.09 6.42
CA GLU A 263 2.28 13.10 4.99
C GLU A 263 1.44 12.07 4.25
N PHE A 264 1.05 12.40 3.02
CA PHE A 264 0.34 11.48 2.12
C PHE A 264 1.31 10.84 1.13
N MET A 265 1.11 9.54 0.86
CA MET A 265 1.75 8.88 -0.27
C MET A 265 0.67 8.42 -1.22
N VAL A 266 0.89 8.61 -2.52
CA VAL A 266 0.02 8.08 -3.55
C VAL A 266 0.81 7.07 -4.38
N THR A 267 0.25 5.87 -4.53
CA THR A 267 0.79 4.90 -5.47
C THR A 267 -0.04 4.96 -6.75
N PHE A 268 0.65 4.81 -7.87
CA PHE A 268 0.03 4.95 -9.18
C PHE A 268 -0.18 3.59 -9.79
N PRO A 269 -1.08 3.50 -10.79
CA PRO A 269 -1.40 2.23 -11.43
C PRO A 269 -0.18 1.42 -11.87
N TYR A 270 -0.14 0.15 -11.45
CA TYR A 270 0.92 -0.78 -11.79
C TYR A 270 2.31 -0.38 -11.24
N GLY A 271 2.32 0.42 -10.19
CA GLY A 271 3.54 0.75 -9.48
C GLY A 271 3.76 -0.23 -8.36
N TYR A 272 4.63 -1.22 -8.58
CA TYR A 272 4.95 -2.22 -7.55
C TYR A 272 5.58 -1.53 -6.35
N HIS A 273 5.12 -1.86 -5.15
CA HIS A 273 5.69 -1.27 -3.95
C HIS A 273 5.74 -2.21 -2.77
N ALA A 274 6.60 -1.88 -1.82
CA ALA A 274 6.84 -2.69 -0.62
C ALA A 274 7.46 -1.78 0.42
N GLY A 275 7.52 -2.23 1.67
CA GLY A 275 8.11 -1.39 2.72
C GLY A 275 7.92 -1.92 4.13
N PHE A 276 8.23 -1.07 5.10
CA PHE A 276 8.19 -1.47 6.51
C PHE A 276 7.99 -0.26 7.42
N ASN A 277 7.49 -0.53 8.62
CA ASN A 277 7.29 0.48 9.64
C ASN A 277 8.46 0.53 10.63
N HIS A 278 8.79 1.74 11.05
CA HIS A 278 9.94 2.01 11.92
C HIS A 278 9.63 1.75 13.37
N GLY A 279 8.34 1.80 13.70
CA GLY A 279 7.90 1.74 15.08
C GLY A 279 6.40 1.89 15.13
N PHE A 280 5.85 2.02 16.32
CA PHE A 280 4.41 2.12 16.45
C PHE A 280 3.89 3.26 15.57
N ASN A 281 2.91 2.96 14.73
CA ASN A 281 2.27 3.98 13.93
C ASN A 281 0.87 3.60 13.51
N CYS A 282 0.20 4.52 12.82
CA CYS A 282 -1.14 4.29 12.31
C CYS A 282 -1.29 5.03 10.98
N ALA A 283 -1.63 4.27 9.95
CA ALA A 283 -1.87 4.82 8.63
C ALA A 283 -3.28 4.48 8.20
N GLU A 284 -3.79 5.28 7.26
CA GLU A 284 -5.08 5.06 6.64
C GLU A 284 -4.89 5.06 5.15
N ALA A 285 -5.55 4.13 4.46
CA ALA A 285 -5.43 4.02 3.03
C ALA A 285 -6.74 3.60 2.37
N ILE A 286 -6.84 3.97 1.10
CA ILE A 286 -7.99 3.60 0.28
C ILE A 286 -7.49 3.55 -1.16
N ASN A 287 -8.11 2.69 -1.98
CA ASN A 287 -7.89 2.74 -3.41
C ASN A 287 -8.78 3.78 -4.09
N PHE A 288 -8.28 4.36 -5.18
CA PHE A 288 -9.08 5.23 -5.99
C PHE A 288 -8.71 5.05 -7.46
N ALA A 289 -9.49 5.69 -8.32
CA ALA A 289 -9.33 5.59 -9.76
C ALA A 289 -9.42 6.97 -10.40
N THR A 290 -8.84 7.10 -11.58
CA THR A 290 -9.02 8.27 -12.44
C THR A 290 -9.33 7.75 -13.83
N PRO A 291 -9.63 8.65 -14.79
CA PRO A 291 -9.81 8.19 -16.17
C PRO A 291 -8.60 7.42 -16.71
N ARG A 292 -7.39 7.85 -16.37
CA ARG A 292 -6.16 7.19 -16.83
C ARG A 292 -6.03 5.75 -16.30
N TRP A 293 -6.69 5.42 -15.19
CA TRP A 293 -6.61 4.05 -14.66
C TRP A 293 -7.31 3.02 -15.53
N ILE A 294 -8.38 3.41 -16.21
CA ILE A 294 -9.22 2.43 -16.92
C ILE A 294 -8.39 1.44 -17.75
N ASP A 295 -7.46 1.93 -18.57
CA ASP A 295 -6.64 1.03 -19.40
C ASP A 295 -5.75 0.09 -18.58
N TYR A 296 -5.32 0.50 -17.39
CA TYR A 296 -4.59 -0.41 -16.50
C TYR A 296 -5.50 -1.48 -15.90
N GLY A 297 -6.69 -1.08 -15.49
CA GLY A 297 -7.69 -2.02 -15.02
C GLY A 297 -7.97 -3.14 -16.01
N LYS A 298 -8.05 -2.78 -17.28
CA LYS A 298 -8.28 -3.75 -18.36
C LYS A 298 -7.17 -4.79 -18.51
N MET A 299 -5.94 -4.40 -18.17
CA MET A 299 -4.77 -5.25 -18.38
C MET A 299 -4.24 -5.88 -17.10
N ALA A 300 -4.89 -5.61 -15.96
CA ALA A 300 -4.41 -6.12 -14.68
C ALA A 300 -4.38 -7.65 -14.64
N SER A 301 -3.29 -8.21 -14.12
N SER A 301 -3.29 -8.20 -14.11
CA SER A 301 -3.19 -9.65 -13.89
CA SER A 301 -3.20 -9.64 -13.87
C SER A 301 -4.07 -10.01 -12.69
C SER A 301 -4.13 -9.99 -12.73
N GLN A 302 -4.59 -11.23 -12.69
CA GLN A 302 -5.48 -11.70 -11.63
C GLN A 302 -4.97 -13.01 -11.06
N CYS A 303 -5.06 -13.13 -9.75
CA CYS A 303 -4.86 -14.42 -9.08
C CYS A 303 -6.17 -15.21 -9.17
N SER A 304 -6.11 -16.37 -9.80
CA SER A 304 -7.24 -17.31 -9.86
C SER A 304 -6.90 -18.63 -9.16
N CYS A 305 -5.85 -18.65 -8.33
CA CYS A 305 -5.45 -19.85 -7.60
C CYS A 305 -6.17 -19.98 -6.25
N GLY A 306 -6.90 -18.94 -5.85
CA GLY A 306 -7.68 -18.95 -4.62
C GLY A 306 -7.03 -18.28 -3.42
N GLU A 307 -5.72 -18.09 -3.48
CA GLU A 307 -4.97 -17.51 -2.36
C GLU A 307 -5.30 -16.03 -2.10
N ALA A 308 -5.24 -15.23 -3.15
CA ALA A 308 -5.42 -13.78 -3.00
C ALA A 308 -6.83 -13.42 -2.52
N ARG A 309 -6.91 -12.48 -1.58
CA ARG A 309 -8.18 -12.02 -1.02
C ARG A 309 -8.92 -11.16 -2.03
N VAL A 310 -10.11 -11.61 -2.44
CA VAL A 310 -10.99 -10.83 -3.30
C VAL A 310 -12.05 -10.10 -2.47
N THR A 311 -12.13 -8.78 -2.65
CA THR A 311 -13.18 -7.98 -2.03
C THR A 311 -14.47 -8.14 -2.83
N PHE A 312 -15.60 -7.86 -2.19
CA PHE A 312 -16.90 -7.90 -2.86
C PHE A 312 -16.93 -6.99 -4.10
N SER A 313 -16.25 -5.86 -3.99
CA SER A 313 -16.23 -4.85 -5.04
C SER A 313 -15.47 -5.27 -6.31
N MET A 314 -14.52 -6.19 -6.19
CA MET A 314 -13.67 -6.48 -7.35
CA MET A 314 -13.64 -6.54 -7.31
C MET A 314 -14.37 -7.31 -8.41
N ASP A 315 -15.43 -8.03 -8.05
CA ASP A 315 -16.21 -8.82 -9.01
C ASP A 315 -16.58 -7.96 -10.19
N ALA A 316 -17.16 -6.81 -9.90
CA ALA A 316 -17.71 -5.93 -10.91
C ALA A 316 -16.63 -5.39 -11.83
N PHE A 317 -15.48 -5.02 -11.25
CA PHE A 317 -14.36 -4.53 -12.03
C PHE A 317 -13.90 -5.58 -13.04
N VAL A 318 -13.77 -6.82 -12.58
CA VAL A 318 -13.33 -7.92 -13.46
C VAL A 318 -14.41 -8.23 -14.47
N ARG A 319 -15.66 -8.28 -14.00
CA ARG A 319 -16.80 -8.57 -14.85
C ARG A 319 -16.91 -7.59 -16.04
N ILE A 320 -16.73 -6.30 -15.78
CA ILE A 320 -16.90 -5.29 -16.83
C ILE A 320 -15.62 -5.07 -17.63
N LEU A 321 -14.48 -4.94 -16.94
CA LEU A 321 -13.23 -4.65 -17.64
C LEU A 321 -12.56 -5.88 -18.25
N GLN A 322 -12.79 -7.07 -17.67
CA GLN A 322 -12.11 -8.30 -18.12
C GLN A 322 -13.10 -9.46 -18.26
N PRO A 323 -14.14 -9.29 -19.11
CA PRO A 323 -15.17 -10.32 -19.25
C PRO A 323 -14.60 -11.69 -19.61
N GLU A 324 -13.58 -11.73 -20.47
CA GLU A 324 -12.94 -12.99 -20.85
C GLU A 324 -12.35 -13.72 -19.64
N ARG A 325 -11.77 -12.99 -18.72
CA ARG A 325 -11.13 -13.58 -17.54
C ARG A 325 -12.12 -13.88 -16.43
N TYR A 326 -13.34 -13.36 -16.55
CA TYR A 326 -14.28 -13.34 -15.44
C TYR A 326 -14.62 -14.74 -14.89
N ASP A 327 -15.00 -15.65 -15.78
CA ASP A 327 -15.37 -17.03 -15.38
C ASP A 327 -14.28 -17.75 -14.59
N LEU A 328 -13.10 -17.90 -15.21
CA LEU A 328 -11.96 -18.56 -14.56
C LEU A 328 -11.56 -17.90 -13.25
N TRP A 329 -11.63 -16.57 -13.19
CA TRP A 329 -11.30 -15.84 -11.97
C TRP A 329 -12.32 -16.11 -10.90
N LYS A 330 -13.58 -16.23 -11.31
CA LYS A 330 -14.70 -16.43 -10.39
C LYS A 330 -14.63 -17.81 -9.73
N ARG A 331 -14.39 -18.85 -10.53
CA ARG A 331 -14.26 -20.21 -10.01
C ARG A 331 -12.98 -20.40 -9.19
N GLY A 332 -11.99 -19.54 -9.42
CA GLY A 332 -10.76 -19.54 -8.63
C GLY A 332 -11.01 -19.27 -7.16
N GLN A 333 -11.90 -18.32 -6.88
CA GLN A 333 -12.30 -17.97 -5.53
C GLN A 333 -13.81 -17.79 -5.44
ZN ZN B . -2.76 -16.86 -6.73
FE FE2 C . -0.40 -1.10 -1.71
C1 GOL D . 3.27 22.25 -6.59
O1 GOL D . 1.97 22.34 -5.99
C2 GOL D . 4.34 22.36 -5.52
O2 GOL D . 4.47 21.09 -4.88
C3 GOL D . 5.69 22.73 -6.12
O3 GOL D . 6.70 22.38 -5.18
C1 GOL E . -12.78 15.54 -0.62
O1 GOL E . -12.22 15.24 0.67
C2 GOL E . -11.72 15.34 -1.70
O2 GOL E . -10.57 16.13 -1.34
C3 GOL E . -12.25 15.72 -3.09
O3 GOL E . -11.73 16.99 -3.54
C1 GOL F . 14.51 7.29 2.90
O1 GOL F . 15.18 6.34 2.07
C2 GOL F . 15.02 8.72 2.72
O2 GOL F . 15.14 9.36 4.01
C3 GOL F . 14.06 9.55 1.88
O3 GOL F . 12.95 9.96 2.67
C1 YC8 G . 0.84 -0.44 4.49
N1 YC8 G . 0.35 -1.00 0.26
O1 YC8 G . 1.02 -1.42 5.22
C2 YC8 G . 0.65 -0.65 3.02
N2 YC8 G . -0.23 -2.83 3.45
O2 YC8 G . 0.81 0.78 4.99
C3 YC8 G . 1.03 0.34 2.14
O3 YC8 G . -0.80 -4.54 2.06
C4 YC8 G . 0.86 0.13 0.77
C5 YC8 G . -0.02 -1.97 1.12
C6 YC8 G . 0.12 -1.83 2.50
C7 YC8 G . -0.61 -4.07 3.17
C8 YC8 G . -0.76 -4.88 4.44
C9 YC8 G . -0.85 -6.37 4.18
C10 YC8 G . -2.26 -6.80 3.84
C11 YC8 G . -2.31 -8.30 3.99
C12 YC8 G . -1.58 -9.10 3.11
C13 YC8 G . -1.61 -10.48 3.24
C14 YC8 G . -2.36 -11.07 4.25
C15 YC8 G . -3.09 -10.26 5.13
C16 YC8 G . -3.05 -8.88 5.00
S SO4 H . 16.93 -5.38 15.46
O1 SO4 H . 17.89 -5.19 16.58
O2 SO4 H . 16.81 -6.82 15.14
O3 SO4 H . 17.43 -4.67 14.26
O4 SO4 H . 15.60 -4.86 15.85
S SO4 I . -10.50 14.47 18.69
O1 SO4 I . -10.74 13.03 18.95
O2 SO4 I . -11.78 15.20 18.71
O3 SO4 I . -9.87 14.64 17.36
O4 SO4 I . -9.59 15.01 19.73
S SO4 J . 23.19 -4.61 14.11
O1 SO4 J . 23.08 -3.16 13.83
O2 SO4 J . 24.06 -5.22 13.08
O3 SO4 J . 21.85 -5.23 14.06
O4 SO4 J . 23.78 -4.82 15.46
S SO4 K . 2.19 2.70 26.11
O1 SO4 K . 3.40 2.11 25.51
O2 SO4 K . 1.38 1.65 26.77
O3 SO4 K . 1.38 3.35 25.04
O4 SO4 K . 2.57 3.72 27.11
S SO4 L . -5.79 -0.34 0.69
O1 SO4 L . -4.66 -0.49 1.63
O2 SO4 L . -6.00 -1.61 -0.03
O3 SO4 L . -5.48 0.74 -0.29
O4 SO4 L . -7.00 0.01 1.47
S SO4 M . 23.60 11.37 10.99
O1 SO4 M . 24.32 12.57 11.46
O2 SO4 M . 22.14 11.62 11.05
O3 SO4 M . 23.95 10.22 11.86
O4 SO4 M . 23.99 11.06 9.59
S SO4 N . -1.43 1.13 -20.47
O1 SO4 N . -2.23 0.48 -19.42
O2 SO4 N . -1.15 0.16 -21.56
O3 SO4 N . -0.14 1.61 -19.89
O4 SO4 N . -2.18 2.28 -21.02
#